data_1K38
#
_entry.id   1K38
#
_cell.length_a   78.979
_cell.length_b   106.899
_cell.length_c   129.168
_cell.angle_alpha   90.00
_cell.angle_beta   90.00
_cell.angle_gamma   90.00
#
_symmetry.space_group_name_H-M   'C 2 2 21'
#
loop_
_entity.id
_entity.type
_entity.pdbx_description
1 polymer 'Beta-lactamase OXA-2'
2 non-polymer 'FORMIC ACID'
3 water water
#
_entity_poly.entity_id   1
_entity_poly.type   'polypeptide(L)'
_entity_poly.pdbx_seq_one_letter_code
;QEGTLERSDWRKFFSEFQAKGTIVVADERQADRAMLVFDPVRSKKRYSPASTF(KCX)IPHTLFALDAGAVRDEFQIFRW
DGVNRGFAGHNQDQDLRSAMRNSTVWVYELFAKEIGDDKARRYLKKIDYGNADPSTSNGDYWIEGSLAISAQEQIAFLRK
LYRNELPFRVEHQRLVKDLMIVEAGRNWILRAKTGWEGRMGWWVGWVEWPTGSVFFALNIDTPNRMDDLFKREAIVRAIL
RSIEALPPNPAVNSDAAR
;
_entity_poly.pdbx_strand_id   A,B
#
# COMPACT_ATOMS: atom_id res chain seq x y z
N THR A 4 0.87 -22.45 -20.86
CA THR A 4 0.71 -22.72 -19.40
C THR A 4 1.37 -24.04 -19.05
N LEU A 5 1.67 -24.22 -17.77
CA LEU A 5 2.30 -25.44 -17.29
C LEU A 5 1.55 -26.02 -16.10
N GLU A 6 1.20 -27.30 -16.19
CA GLU A 6 0.51 -27.93 -15.08
C GLU A 6 1.53 -28.33 -14.03
N ARG A 7 1.22 -28.04 -12.78
CA ARG A 7 2.11 -28.40 -11.67
C ARG A 7 1.39 -29.43 -10.81
N SER A 8 1.27 -30.65 -11.34
CA SER A 8 0.58 -31.72 -10.61
C SER A 8 1.29 -32.03 -9.30
N ASP A 9 2.58 -31.69 -9.22
CA ASP A 9 3.35 -31.94 -8.02
C ASP A 9 2.86 -31.06 -6.86
N TRP A 10 2.12 -30.01 -7.19
CA TRP A 10 1.59 -29.12 -6.15
C TRP A 10 0.49 -29.80 -5.36
N ARG A 11 0.13 -31.02 -5.75
CA ARG A 11 -0.91 -31.74 -5.03
C ARG A 11 -0.46 -31.97 -3.59
N LYS A 12 0.85 -32.03 -3.37
CA LYS A 12 1.36 -32.26 -2.02
C LYS A 12 0.97 -31.14 -1.07
N PHE A 13 0.85 -29.93 -1.60
CA PHE A 13 0.47 -28.79 -0.76
C PHE A 13 -1.00 -28.87 -0.38
N PHE A 14 -1.84 -29.34 -1.30
CA PHE A 14 -3.26 -29.47 -1.00
C PHE A 14 -3.49 -30.65 -0.06
N SER A 15 -2.79 -31.74 -0.29
CA SER A 15 -2.94 -32.92 0.56
C SER A 15 -2.40 -32.63 1.96
N GLU A 16 -1.36 -31.80 2.04
CA GLU A 16 -0.77 -31.46 3.33
C GLU A 16 -1.85 -30.86 4.23
N PHE A 17 -2.74 -30.09 3.62
CA PHE A 17 -3.83 -29.46 4.36
C PHE A 17 -5.17 -30.12 4.09
N GLN A 18 -5.11 -31.36 3.63
CA GLN A 18 -6.30 -32.15 3.33
C GLN A 18 -7.37 -31.29 2.67
N ALA A 19 -7.00 -30.66 1.56
CA ALA A 19 -7.93 -29.80 0.85
C ALA A 19 -8.07 -30.19 -0.62
N LYS A 20 -9.20 -29.84 -1.19
CA LYS A 20 -9.49 -30.11 -2.59
C LYS A 20 -9.74 -28.77 -3.25
N GLY A 21 -9.00 -28.47 -4.31
CA GLY A 21 -9.19 -27.21 -4.98
C GLY A 21 -8.29 -26.99 -6.16
N THR A 22 -8.11 -25.72 -6.51
CA THR A 22 -7.29 -25.33 -7.65
C THR A 22 -6.51 -24.07 -7.34
N ILE A 23 -5.43 -23.84 -8.08
CA ILE A 23 -4.67 -22.62 -7.92
C ILE A 23 -3.98 -22.30 -9.23
N VAL A 24 -4.00 -21.03 -9.57
CA VAL A 24 -3.34 -20.52 -10.78
C VAL A 24 -2.34 -19.50 -10.27
N VAL A 25 -1.12 -19.57 -10.77
CA VAL A 25 -0.08 -18.63 -10.38
C VAL A 25 0.54 -18.05 -11.66
N ALA A 26 0.53 -16.73 -11.78
CA ALA A 26 1.12 -16.07 -12.94
C ALA A 26 2.29 -15.26 -12.43
N ASP A 27 3.49 -15.75 -12.69
CA ASP A 27 4.71 -15.08 -12.24
C ASP A 27 5.17 -14.13 -13.34
N GLU A 28 5.11 -12.82 -13.11
CA GLU A 28 5.52 -11.85 -14.12
C GLU A 28 6.92 -11.29 -13.88
N ARG A 29 7.68 -11.87 -12.96
CA ARG A 29 9.01 -11.36 -12.67
C ARG A 29 9.95 -11.41 -13.87
N GLN A 30 9.84 -12.46 -14.69
CA GLN A 30 10.65 -12.54 -15.89
C GLN A 30 9.69 -12.32 -17.06
N ALA A 31 10.17 -12.51 -18.28
CA ALA A 31 9.31 -12.30 -19.43
C ALA A 31 8.86 -13.60 -20.09
N ASP A 32 7.70 -13.54 -20.74
CA ASP A 32 7.13 -14.67 -21.46
C ASP A 32 7.17 -16.00 -20.72
N ARG A 33 6.63 -16.02 -19.51
CA ARG A 33 6.60 -17.24 -18.71
C ARG A 33 5.21 -17.83 -18.74
N ALA A 34 5.13 -19.15 -18.58
CA ALA A 34 3.86 -19.84 -18.59
C ALA A 34 3.18 -19.75 -17.22
N MET A 35 1.87 -19.71 -17.23
CA MET A 35 1.12 -19.65 -15.99
C MET A 35 1.19 -21.05 -15.39
N LEU A 36 1.34 -21.14 -14.08
CA LEU A 36 1.42 -22.42 -13.39
C LEU A 36 0.03 -22.73 -12.86
N VAL A 37 -0.43 -23.96 -13.04
N VAL A 37 -0.42 -23.96 -13.04
CA VAL A 37 -1.77 -24.33 -12.59
CA VAL A 37 -1.76 -24.33 -12.58
C VAL A 37 -1.86 -25.73 -12.02
C VAL A 37 -1.86 -25.73 -12.01
N PHE A 38 -2.64 -25.87 -10.94
CA PHE A 38 -2.86 -27.18 -10.33
C PHE A 38 -4.36 -27.35 -10.59
N ASP A 39 -4.70 -28.48 -11.21
CA ASP A 39 -6.07 -28.82 -11.60
C ASP A 39 -6.57 -27.79 -12.62
N PRO A 40 -6.03 -27.87 -13.85
CA PRO A 40 -6.42 -26.94 -14.93
C PRO A 40 -7.90 -26.89 -15.21
N VAL A 41 -8.59 -28.03 -15.17
CA VAL A 41 -10.02 -28.03 -15.43
C VAL A 41 -10.78 -27.20 -14.39
N ARG A 42 -10.46 -27.41 -13.11
CA ARG A 42 -11.15 -26.66 -12.08
C ARG A 42 -10.77 -25.18 -12.13
N SER A 43 -9.57 -24.89 -12.62
CA SER A 43 -9.12 -23.50 -12.68
C SER A 43 -9.96 -22.68 -13.64
N LYS A 44 -10.70 -23.35 -14.52
CA LYS A 44 -11.55 -22.66 -15.48
C LYS A 44 -13.04 -22.75 -15.12
N LYS A 45 -13.34 -23.38 -14.00
CA LYS A 45 -14.73 -23.52 -13.56
C LYS A 45 -15.19 -22.27 -12.81
N ARG A 46 -16.36 -21.76 -13.16
CA ARG A 46 -16.87 -20.56 -12.51
C ARG A 46 -17.59 -20.83 -11.19
N TYR A 47 -17.26 -20.04 -10.18
CA TYR A 47 -17.86 -20.14 -8.87
C TYR A 47 -18.21 -18.75 -8.38
N SER A 48 -19.12 -18.66 -7.42
CA SER A 48 -19.49 -17.36 -6.85
C SER A 48 -18.19 -16.75 -6.32
N PRO A 49 -17.95 -15.46 -6.60
CA PRO A 49 -16.72 -14.83 -6.12
C PRO A 49 -16.73 -14.55 -4.62
N ALA A 50 -17.93 -14.52 -4.03
CA ALA A 50 -18.07 -14.24 -2.62
C ALA A 50 -17.38 -12.90 -2.34
N SER A 51 -16.72 -12.75 -1.19
CA SER A 51 -16.10 -11.47 -0.88
C SER A 51 -14.91 -11.05 -1.75
N THR A 52 -14.45 -11.89 -2.66
CA THR A 52 -13.35 -11.46 -3.52
C THR A 52 -13.96 -10.41 -4.45
N PHE A 53 -15.28 -10.37 -4.50
CA PHE A 53 -15.97 -9.40 -5.33
C PHE A 53 -15.80 -7.99 -4.77
N ILE A 55 -13.25 -6.43 -4.47
CA ILE A 55 -12.25 -5.72 -5.24
C ILE A 55 -12.94 -4.91 -6.35
N PRO A 56 -13.68 -5.57 -7.27
CA PRO A 56 -14.32 -4.73 -8.29
C PRO A 56 -15.49 -3.91 -7.75
N HIS A 57 -16.19 -4.43 -6.73
CA HIS A 57 -17.34 -3.73 -6.17
C HIS A 57 -16.93 -2.38 -5.58
N THR A 58 -15.74 -2.31 -4.98
CA THR A 58 -15.28 -1.05 -4.41
C THR A 58 -15.10 -0.03 -5.54
N LEU A 59 -14.62 -0.50 -6.69
CA LEU A 59 -14.45 0.38 -7.85
C LEU A 59 -15.83 0.88 -8.28
N PHE A 60 -16.80 -0.03 -8.34
CA PHE A 60 -18.17 0.35 -8.73
C PHE A 60 -18.69 1.44 -7.80
N ALA A 61 -18.55 1.21 -6.50
CA ALA A 61 -19.02 2.13 -5.47
C ALA A 61 -18.35 3.50 -5.53
N LEU A 62 -17.04 3.52 -5.74
CA LEU A 62 -16.33 4.79 -5.83
C LEU A 62 -16.75 5.54 -7.10
N ASP A 63 -16.88 4.79 -8.19
CA ASP A 63 -17.27 5.38 -9.47
C ASP A 63 -18.68 5.95 -9.42
N ALA A 64 -19.59 5.25 -8.72
CA ALA A 64 -20.97 5.67 -8.62
C ALA A 64 -21.20 6.72 -7.52
N GLY A 65 -20.17 6.95 -6.72
CA GLY A 65 -20.29 7.93 -5.65
C GLY A 65 -21.00 7.38 -4.42
N ALA A 66 -21.09 6.05 -4.32
CA ALA A 66 -21.73 5.42 -3.17
C ALA A 66 -20.83 5.59 -1.96
N VAL A 67 -19.53 5.77 -2.22
CA VAL A 67 -18.56 6.01 -1.18
C VAL A 67 -17.59 7.05 -1.73
N ARG A 68 -17.27 8.04 -0.91
CA ARG A 68 -16.38 9.13 -1.32
C ARG A 68 -14.90 8.81 -1.31
N ASP A 69 -14.42 8.28 -0.20
CA ASP A 69 -13.01 7.93 -0.06
C ASP A 69 -12.79 7.00 1.13
N GLU A 70 -11.53 6.83 1.49
CA GLU A 70 -11.16 5.95 2.59
C GLU A 70 -11.48 6.51 3.98
N PHE A 71 -11.99 7.73 4.04
CA PHE A 71 -12.32 8.35 5.32
C PHE A 71 -13.79 8.35 5.68
N GLN A 72 -14.64 8.02 4.71
CA GLN A 72 -16.08 7.99 4.97
C GLN A 72 -16.41 6.84 5.93
N ILE A 73 -17.25 7.12 6.91
CA ILE A 73 -17.62 6.11 7.89
C ILE A 73 -19.07 5.68 7.70
N PHE A 74 -19.29 4.37 7.74
CA PHE A 74 -20.62 3.82 7.61
C PHE A 74 -21.03 3.29 8.98
N ARG A 75 -22.19 3.72 9.46
CA ARG A 75 -22.68 3.34 10.78
C ARG A 75 -23.31 1.97 10.91
N TRP A 76 -22.84 1.22 11.91
CA TRP A 76 -23.34 -0.12 12.22
C TRP A 76 -24.73 0.02 12.84
N ASP A 77 -25.65 -0.87 12.45
CA ASP A 77 -27.02 -0.82 12.96
C ASP A 77 -27.18 -1.39 14.37
N GLY A 78 -26.12 -1.97 14.93
CA GLY A 78 -26.20 -2.53 16.26
C GLY A 78 -26.58 -3.99 16.29
N VAL A 79 -26.84 -4.56 15.11
CA VAL A 79 -27.21 -5.97 15.00
C VAL A 79 -25.97 -6.86 15.13
N ASN A 80 -26.05 -7.84 16.02
CA ASN A 80 -24.94 -8.75 16.23
C ASN A 80 -24.92 -9.82 15.13
N ARG A 81 -24.07 -9.63 14.14
CA ARG A 81 -23.97 -10.58 13.04
C ARG A 81 -22.97 -11.69 13.36
N GLY A 82 -22.49 -11.70 14.59
CA GLY A 82 -21.55 -12.73 15.00
C GLY A 82 -20.15 -12.56 14.43
N PHE A 83 -19.71 -11.31 14.28
CA PHE A 83 -18.38 -11.01 13.77
C PHE A 83 -17.90 -9.70 14.37
N ALA A 84 -16.92 -9.78 15.26
CA ALA A 84 -16.36 -8.58 15.91
C ALA A 84 -15.98 -7.57 14.85
N GLY A 85 -15.39 -8.05 13.76
CA GLY A 85 -14.98 -7.17 12.69
C GLY A 85 -16.15 -6.49 12.01
N HIS A 86 -17.33 -7.09 12.12
CA HIS A 86 -18.54 -6.53 11.50
C HIS A 86 -19.40 -5.71 12.46
N ASN A 87 -19.38 -6.08 13.74
CA ASN A 87 -20.18 -5.38 14.73
C ASN A 87 -19.57 -4.05 15.19
N GLN A 88 -19.50 -3.10 14.26
CA GLN A 88 -18.94 -1.78 14.55
C GLN A 88 -18.98 -0.91 13.30
N ASP A 89 -18.81 0.40 13.50
CA ASP A 89 -18.82 1.32 12.36
C ASP A 89 -17.66 0.90 11.47
N GLN A 90 -17.75 1.23 10.18
CA GLN A 90 -16.72 0.81 9.25
C GLN A 90 -16.31 1.86 8.24
N ASP A 91 -15.08 1.72 7.74
CA ASP A 91 -14.60 2.56 6.65
C ASP A 91 -14.25 1.54 5.58
N LEU A 92 -13.83 1.96 4.39
CA LEU A 92 -13.52 1.01 3.34
C LEU A 92 -12.47 -0.02 3.71
N ARG A 93 -11.42 0.39 4.41
CA ARG A 93 -10.37 -0.55 4.74
C ARG A 93 -10.82 -1.63 5.71
N SER A 94 -11.60 -1.26 6.72
CA SER A 94 -12.08 -2.26 7.67
C SER A 94 -13.07 -3.18 6.98
N ALA A 95 -13.89 -2.62 6.08
CA ALA A 95 -14.89 -3.41 5.37
C ALA A 95 -14.22 -4.46 4.48
N MET A 96 -13.12 -4.05 3.85
N MET A 96 -13.12 -4.09 3.83
CA MET A 96 -12.36 -4.92 2.96
CA MET A 96 -12.46 -5.06 2.97
C MET A 96 -11.65 -6.00 3.76
C MET A 96 -11.66 -6.06 3.79
N ARG A 97 -10.93 -5.57 4.80
CA ARG A 97 -10.15 -6.45 5.65
C ARG A 97 -11.01 -7.49 6.36
N ASN A 98 -12.22 -7.09 6.75
CA ASN A 98 -13.13 -7.98 7.47
C ASN A 98 -14.25 -8.56 6.65
N SER A 99 -14.25 -8.32 5.35
CA SER A 99 -15.31 -8.82 4.46
C SER A 99 -16.67 -8.45 5.05
N THR A 100 -16.80 -7.18 5.43
CA THR A 100 -18.05 -6.69 6.02
C THR A 100 -19.09 -6.51 4.93
N VAL A 101 -19.83 -7.58 4.68
CA VAL A 101 -20.84 -7.59 3.64
C VAL A 101 -21.91 -6.51 3.72
N TRP A 102 -22.41 -6.19 4.92
CA TRP A 102 -23.46 -5.19 5.01
C TRP A 102 -23.09 -3.83 4.43
N VAL A 103 -21.80 -3.48 4.46
CA VAL A 103 -21.37 -2.21 3.90
C VAL A 103 -21.58 -2.23 2.39
N TYR A 104 -21.18 -3.33 1.76
CA TYR A 104 -21.31 -3.44 0.32
C TYR A 104 -22.76 -3.65 -0.12
N GLU A 105 -23.60 -4.09 0.80
CA GLU A 105 -25.02 -4.27 0.48
C GLU A 105 -25.58 -2.86 0.29
N LEU A 106 -25.06 -1.93 1.10
CA LEU A 106 -25.48 -0.54 1.01
C LEU A 106 -25.09 0.02 -0.35
N PHE A 107 -23.86 -0.28 -0.79
CA PHE A 107 -23.39 0.19 -2.08
C PHE A 107 -24.25 -0.40 -3.20
N ALA A 108 -24.51 -1.70 -3.11
CA ALA A 108 -25.31 -2.39 -4.12
C ALA A 108 -26.68 -1.76 -4.28
N LYS A 109 -27.31 -1.40 -3.16
CA LYS A 109 -28.63 -0.79 -3.19
C LYS A 109 -28.58 0.56 -3.91
N GLU A 110 -27.56 1.35 -3.60
CA GLU A 110 -27.42 2.67 -4.23
C GLU A 110 -27.04 2.57 -5.71
N ILE A 111 -26.21 1.59 -6.05
CA ILE A 111 -25.77 1.41 -7.42
C ILE A 111 -26.94 0.94 -8.30
N GLY A 112 -27.70 -0.03 -7.79
CA GLY A 112 -28.84 -0.54 -8.55
C GLY A 112 -28.44 -1.66 -9.49
N ASP A 113 -29.42 -2.49 -9.84
CA ASP A 113 -29.18 -3.63 -10.73
C ASP A 113 -28.75 -3.24 -12.14
N ASP A 114 -29.42 -2.26 -12.74
CA ASP A 114 -29.09 -1.84 -14.09
C ASP A 114 -27.64 -1.39 -14.20
N LYS A 115 -27.20 -0.53 -13.29
CA LYS A 115 -25.83 -0.03 -13.32
C LYS A 115 -24.84 -1.14 -13.00
N ALA A 116 -25.21 -2.04 -12.09
CA ALA A 116 -24.34 -3.14 -11.72
C ALA A 116 -24.07 -4.01 -12.95
N ARG A 117 -25.10 -4.22 -13.77
CA ARG A 117 -24.94 -5.02 -14.98
C ARG A 117 -23.99 -4.33 -15.94
N ARG A 118 -24.14 -3.02 -16.10
CA ARG A 118 -23.28 -2.26 -16.99
C ARG A 118 -21.82 -2.30 -16.52
N TYR A 119 -21.60 -2.15 -15.22
CA TYR A 119 -20.25 -2.19 -14.67
C TYR A 119 -19.61 -3.56 -14.90
N LEU A 120 -20.36 -4.61 -14.61
CA LEU A 120 -19.85 -5.97 -14.78
C LEU A 120 -19.50 -6.25 -16.23
N LYS A 121 -20.33 -5.72 -17.14
CA LYS A 121 -20.09 -5.92 -18.55
C LYS A 121 -18.85 -5.15 -19.03
N LYS A 122 -18.66 -3.94 -18.51
CA LYS A 122 -17.51 -3.15 -18.93
C LYS A 122 -16.17 -3.74 -18.49
N ILE A 123 -16.17 -4.57 -17.46
CA ILE A 123 -14.91 -5.19 -17.03
C ILE A 123 -14.89 -6.68 -17.39
N ASP A 124 -15.90 -7.14 -18.11
CA ASP A 124 -15.99 -8.53 -18.55
C ASP A 124 -15.64 -9.47 -17.40
N TYR A 125 -16.32 -9.29 -16.27
CA TYR A 125 -16.08 -10.06 -15.06
C TYR A 125 -16.92 -11.35 -14.95
N GLY A 126 -16.28 -12.48 -15.21
CA GLY A 126 -16.98 -13.75 -15.15
C GLY A 126 -18.20 -13.77 -16.05
N ASN A 127 -19.32 -14.28 -15.56
CA ASN A 127 -20.53 -14.31 -16.37
C ASN A 127 -21.25 -12.96 -16.35
N ALA A 128 -20.69 -12.01 -15.61
CA ALA A 128 -21.23 -10.66 -15.50
C ALA A 128 -22.74 -10.62 -15.27
N ASP A 129 -23.24 -11.54 -14.45
CA ASP A 129 -24.67 -11.62 -14.16
C ASP A 129 -24.99 -11.29 -12.70
N PRO A 130 -25.53 -10.10 -12.44
CA PRO A 130 -25.86 -9.69 -11.08
C PRO A 130 -27.30 -10.05 -10.64
N SER A 131 -27.95 -10.94 -11.38
CA SER A 131 -29.31 -11.35 -11.02
C SER A 131 -29.26 -11.95 -9.61
N THR A 132 -30.27 -11.66 -8.80
CA THR A 132 -30.32 -12.17 -7.44
C THR A 132 -31.74 -12.15 -6.87
N GLY A 135 -30.03 -9.29 -2.16
CA GLY A 135 -29.27 -8.10 -2.50
C GLY A 135 -27.83 -8.39 -2.84
N ASP A 136 -27.23 -9.35 -2.15
CA ASP A 136 -25.84 -9.72 -2.38
C ASP A 136 -25.71 -10.74 -3.50
N TYR A 137 -25.76 -10.25 -4.74
CA TYR A 137 -25.66 -11.12 -5.90
C TYR A 137 -24.30 -11.79 -6.04
N TRP A 138 -23.30 -11.28 -5.32
CA TRP A 138 -21.96 -11.83 -5.39
C TRP A 138 -21.72 -12.95 -4.38
N ILE A 139 -22.75 -13.26 -3.59
CA ILE A 139 -22.62 -14.32 -2.60
C ILE A 139 -23.62 -15.44 -2.88
N GLU A 140 -24.89 -15.07 -3.03
CA GLU A 140 -25.94 -16.05 -3.30
C GLU A 140 -26.64 -15.80 -4.63
N GLY A 141 -26.10 -14.86 -5.41
CA GLY A 141 -26.70 -14.53 -6.70
C GLY A 141 -26.19 -15.39 -7.84
N SER A 142 -26.42 -14.91 -9.06
CA SER A 142 -26.01 -15.63 -10.25
C SER A 142 -24.57 -15.40 -10.68
N LEU A 143 -23.94 -14.37 -10.12
CA LEU A 143 -22.56 -14.05 -10.49
C LEU A 143 -21.56 -15.17 -10.21
N ALA A 144 -20.74 -15.48 -11.21
CA ALA A 144 -19.74 -16.53 -11.07
C ALA A 144 -18.50 -16.21 -11.93
N ILE A 145 -17.33 -16.61 -11.43
CA ILE A 145 -16.07 -16.35 -12.12
C ILE A 145 -15.06 -17.45 -11.80
N SER A 146 -14.16 -17.75 -12.73
CA SER A 146 -13.16 -18.80 -12.52
C SER A 146 -11.85 -18.26 -11.97
N ALA A 147 -10.99 -19.16 -11.50
CA ALA A 147 -9.70 -18.76 -10.97
C ALA A 147 -8.88 -18.10 -12.07
N GLN A 148 -8.95 -18.62 -13.29
CA GLN A 148 -8.19 -18.03 -14.37
C GLN A 148 -8.71 -16.64 -14.71
N GLU A 149 -10.03 -16.46 -14.62
CA GLU A 149 -10.63 -15.15 -14.88
C GLU A 149 -10.26 -14.14 -13.79
N GLN A 150 -10.09 -14.63 -12.56
CA GLN A 150 -9.69 -13.74 -11.46
C GLN A 150 -8.29 -13.22 -11.75
N ILE A 151 -7.41 -14.09 -12.25
CA ILE A 151 -6.05 -13.70 -12.56
C ILE A 151 -6.07 -12.60 -13.62
N ALA A 152 -6.84 -12.82 -14.70
CA ALA A 152 -6.91 -11.83 -15.76
C ALA A 152 -7.40 -10.48 -15.24
N PHE A 153 -8.41 -10.52 -14.37
CA PHE A 153 -8.94 -9.29 -13.79
C PHE A 153 -7.90 -8.58 -12.92
N LEU A 154 -7.23 -9.35 -12.06
CA LEU A 154 -6.22 -8.78 -11.17
C LEU A 154 -5.07 -8.13 -11.93
N ARG A 155 -4.67 -8.73 -13.04
CA ARG A 155 -3.58 -8.18 -13.83
C ARG A 155 -3.97 -6.83 -14.43
N LYS A 156 -5.23 -6.68 -14.81
CA LYS A 156 -5.69 -5.41 -15.35
C LYS A 156 -5.66 -4.34 -14.28
N LEU A 157 -6.11 -4.69 -13.07
CA LEU A 157 -6.10 -3.76 -11.95
C LEU A 157 -4.66 -3.32 -11.64
N TYR A 158 -3.76 -4.29 -11.62
CA TYR A 158 -2.36 -4.03 -11.35
C TYR A 158 -1.79 -3.01 -12.34
N ARG A 159 -2.16 -3.16 -13.60
CA ARG A 159 -1.68 -2.28 -14.67
C ARG A 159 -2.47 -0.99 -14.82
N ASN A 160 -3.48 -0.80 -13.98
CA ASN A 160 -4.33 0.40 -14.03
C ASN A 160 -5.09 0.43 -15.35
N GLU A 161 -5.37 -0.75 -15.89
CA GLU A 161 -6.06 -0.88 -17.18
C GLU A 161 -7.59 -0.99 -17.11
N LEU A 162 -8.16 -1.01 -15.91
CA LEU A 162 -9.61 -1.10 -15.81
C LEU A 162 -10.24 0.24 -16.17
N PRO A 163 -11.48 0.23 -16.68
CA PRO A 163 -12.18 1.45 -17.06
C PRO A 163 -12.76 2.24 -15.88
N PHE A 164 -11.87 2.60 -14.96
CA PHE A 164 -12.24 3.37 -13.76
C PHE A 164 -11.12 4.37 -13.54
N ARG A 165 -11.41 5.43 -12.78
CA ARG A 165 -10.40 6.44 -12.48
C ARG A 165 -9.18 5.73 -11.91
N VAL A 166 -7.99 6.14 -12.34
CA VAL A 166 -6.78 5.52 -11.82
C VAL A 166 -6.73 5.73 -10.30
N GLU A 167 -7.22 6.87 -9.82
CA GLU A 167 -7.20 7.10 -8.37
C GLU A 167 -7.98 6.02 -7.64
N HIS A 168 -9.08 5.56 -8.24
CA HIS A 168 -9.90 4.53 -7.62
C HIS A 168 -9.21 3.18 -7.67
N GLN A 169 -8.53 2.90 -8.78
CA GLN A 169 -7.79 1.65 -8.91
C GLN A 169 -6.66 1.62 -7.88
N ARG A 170 -6.00 2.77 -7.68
CA ARG A 170 -4.91 2.81 -6.71
C ARG A 170 -5.45 2.65 -5.29
N LEU A 171 -6.57 3.28 -4.98
CA LEU A 171 -7.15 3.15 -3.65
C LEU A 171 -7.51 1.69 -3.37
N VAL A 172 -8.11 1.00 -4.34
CA VAL A 172 -8.46 -0.39 -4.12
C VAL A 172 -7.21 -1.25 -3.91
N LYS A 173 -6.15 -1.01 -4.69
CA LYS A 173 -4.93 -1.80 -4.50
C LYS A 173 -4.31 -1.54 -3.14
N ASP A 174 -4.52 -0.33 -2.61
CA ASP A 174 -4.00 -0.02 -1.29
C ASP A 174 -4.84 -0.74 -0.23
N LEU A 175 -6.15 -0.74 -0.40
CA LEU A 175 -7.05 -1.40 0.54
C LEU A 175 -6.75 -2.91 0.63
N MET A 176 -6.23 -3.47 -0.46
CA MET A 176 -5.91 -4.90 -0.54
C MET A 176 -4.62 -5.30 0.20
N ILE A 177 -3.84 -4.33 0.68
CA ILE A 177 -2.60 -4.67 1.35
C ILE A 177 -2.82 -5.53 2.59
N VAL A 178 -2.16 -6.68 2.62
CA VAL A 178 -2.27 -7.62 3.72
C VAL A 178 -0.96 -7.75 4.49
N GLU A 179 0.16 -7.57 3.79
CA GLU A 179 1.47 -7.70 4.41
C GLU A 179 2.51 -7.08 3.48
N ALA A 180 3.63 -6.66 4.04
CA ALA A 180 4.69 -6.09 3.23
C ALA A 180 6.03 -6.07 3.96
N GLY A 181 7.10 -6.10 3.17
CA GLY A 181 8.45 -6.04 3.68
C GLY A 181 9.11 -4.90 2.94
N ARG A 182 10.41 -4.69 3.15
CA ARG A 182 11.12 -3.62 2.48
C ARG A 182 11.06 -3.67 0.96
N ASN A 183 11.08 -4.88 0.39
CA ASN A 183 11.05 -5.01 -1.06
C ASN A 183 9.92 -5.86 -1.62
N TRP A 184 8.87 -6.07 -0.83
CA TRP A 184 7.73 -6.84 -1.32
C TRP A 184 6.42 -6.41 -0.69
N ILE A 185 5.34 -6.50 -1.47
CA ILE A 185 4.01 -6.13 -0.99
C ILE A 185 2.99 -7.18 -1.39
N LEU A 186 2.26 -7.70 -0.41
CA LEU A 186 1.24 -8.70 -0.66
C LEU A 186 -0.12 -8.03 -0.64
N ARG A 187 -0.84 -8.11 -1.76
CA ARG A 187 -2.16 -7.53 -1.89
C ARG A 187 -3.11 -8.68 -2.20
N ALA A 188 -4.13 -8.85 -1.37
CA ALA A 188 -5.04 -9.97 -1.60
C ALA A 188 -6.42 -9.77 -0.98
N LYS A 189 -7.32 -10.70 -1.30
CA LYS A 189 -8.68 -10.67 -0.78
C LYS A 189 -9.21 -12.08 -0.64
N THR A 190 -9.78 -12.38 0.53
CA THR A 190 -10.35 -13.69 0.78
C THR A 190 -11.83 -13.68 0.42
N GLY A 191 -12.39 -14.87 0.29
CA GLY A 191 -13.80 -15.01 -0.01
C GLY A 191 -14.31 -16.34 0.52
N TRP A 192 -15.57 -16.36 0.96
CA TRP A 192 -16.20 -17.58 1.46
C TRP A 192 -17.71 -17.42 1.44
N GLU A 193 -18.40 -18.37 0.80
CA GLU A 193 -19.85 -18.28 0.75
C GLU A 193 -20.51 -19.51 1.36
N GLY A 194 -19.74 -20.26 2.15
CA GLY A 194 -20.29 -21.43 2.80
C GLY A 194 -19.68 -22.77 2.44
N ARG A 195 -19.50 -23.03 1.15
CA ARG A 195 -18.94 -24.30 0.72
C ARG A 195 -17.73 -24.15 -0.19
N MET A 196 -17.44 -22.91 -0.57
CA MET A 196 -16.33 -22.57 -1.45
C MET A 196 -15.52 -21.42 -0.86
N GLY A 197 -14.20 -21.57 -0.79
CA GLY A 197 -13.36 -20.51 -0.26
C GLY A 197 -12.31 -20.04 -1.25
N TRP A 198 -12.01 -18.75 -1.25
CA TRP A 198 -11.04 -18.15 -2.17
C TRP A 198 -9.95 -17.34 -1.47
N TRP A 199 -8.85 -17.17 -2.20
CA TRP A 199 -7.80 -16.24 -1.81
C TRP A 199 -7.18 -15.89 -3.14
N VAL A 200 -7.31 -14.61 -3.51
CA VAL A 200 -6.76 -14.14 -4.77
C VAL A 200 -6.00 -12.86 -4.52
N GLY A 201 -5.01 -12.58 -5.37
CA GLY A 201 -4.22 -11.37 -5.20
C GLY A 201 -2.87 -11.52 -5.86
N TRP A 202 -1.87 -10.84 -5.33
CA TRP A 202 -0.53 -10.94 -5.89
C TRP A 202 0.50 -10.40 -4.91
N VAL A 203 1.75 -10.76 -5.15
CA VAL A 203 2.84 -10.27 -4.33
C VAL A 203 3.78 -9.55 -5.29
N GLU A 204 4.09 -8.29 -4.99
CA GLU A 204 4.98 -7.51 -5.86
C GLU A 204 6.40 -7.52 -5.37
N TRP A 205 7.32 -7.71 -6.31
CA TRP A 205 8.74 -7.70 -6.03
C TRP A 205 9.39 -6.69 -6.98
N PRO A 206 10.64 -6.32 -6.73
CA PRO A 206 11.32 -5.37 -7.60
C PRO A 206 11.36 -5.75 -9.08
N THR A 207 11.42 -7.05 -9.37
CA THR A 207 11.48 -7.52 -10.75
C THR A 207 10.13 -7.85 -11.39
N GLY A 208 9.07 -7.77 -10.60
CA GLY A 208 7.75 -8.09 -11.14
C GLY A 208 6.80 -8.63 -10.09
N SER A 209 5.55 -8.85 -10.48
CA SER A 209 4.55 -9.36 -9.56
C SER A 209 4.15 -10.80 -9.84
N VAL A 210 3.79 -11.50 -8.78
CA VAL A 210 3.36 -12.88 -8.88
C VAL A 210 1.89 -12.95 -8.48
N PHE A 211 1.02 -13.21 -9.46
CA PHE A 211 -0.42 -13.27 -9.20
C PHE A 211 -0.86 -14.67 -8.83
N PHE A 212 -1.89 -14.75 -7.99
CA PHE A 212 -2.42 -16.05 -7.60
C PHE A 212 -3.92 -16.01 -7.41
N ALA A 213 -4.55 -17.15 -7.64
CA ALA A 213 -5.98 -17.28 -7.47
C ALA A 213 -6.24 -18.73 -7.10
N LEU A 214 -6.66 -18.92 -5.85
CA LEU A 214 -6.95 -20.26 -5.35
C LEU A 214 -8.35 -20.37 -4.81
N ASN A 215 -8.97 -21.52 -5.02
CA ASN A 215 -10.26 -21.76 -4.41
C ASN A 215 -10.26 -23.22 -3.99
N ILE A 216 -10.95 -23.49 -2.88
CA ILE A 216 -11.04 -24.84 -2.34
C ILE A 216 -12.43 -25.07 -1.79
N ASP A 217 -12.84 -26.34 -1.74
CA ASP A 217 -14.14 -26.64 -1.16
C ASP A 217 -13.93 -26.55 0.34
N THR A 218 -14.99 -26.26 1.09
CA THR A 218 -14.88 -26.15 2.53
C THR A 218 -15.89 -27.05 3.25
N PRO A 219 -15.68 -28.37 3.18
CA PRO A 219 -16.59 -29.31 3.86
C PRO A 219 -16.65 -29.12 5.37
N ASN A 220 -15.57 -28.57 5.94
CA ASN A 220 -15.54 -28.33 7.37
C ASN A 220 -15.90 -26.88 7.69
N ARG A 221 -16.49 -26.21 6.70
CA ARG A 221 -16.93 -24.82 6.84
C ARG A 221 -15.85 -23.89 7.38
N MET A 222 -16.12 -23.21 8.48
CA MET A 222 -15.15 -22.28 9.06
C MET A 222 -13.80 -22.90 9.37
N ASP A 223 -13.78 -24.16 9.79
CA ASP A 223 -12.54 -24.83 10.13
C ASP A 223 -11.58 -25.03 8.95
N ASP A 224 -12.06 -24.82 7.72
CA ASP A 224 -11.21 -24.98 6.54
C ASP A 224 -10.66 -23.65 6.02
N LEU A 225 -11.18 -22.54 6.51
CA LEU A 225 -10.75 -21.24 6.02
C LEU A 225 -9.25 -20.94 6.12
N PHE A 226 -8.59 -21.42 7.17
CA PHE A 226 -7.16 -21.16 7.31
C PHE A 226 -6.36 -21.78 6.16
N LYS A 227 -6.91 -22.81 5.54
CA LYS A 227 -6.24 -23.51 4.45
C LYS A 227 -6.03 -22.65 3.21
N ARG A 228 -6.86 -21.64 3.03
CA ARG A 228 -6.74 -20.77 1.86
C ARG A 228 -5.36 -20.12 1.83
N GLU A 229 -5.01 -19.41 2.89
CA GLU A 229 -3.70 -18.78 2.95
C GLU A 229 -2.57 -19.79 3.14
N ALA A 230 -2.82 -20.85 3.89
CA ALA A 230 -1.77 -21.84 4.13
C ALA A 230 -1.25 -22.46 2.84
N ILE A 231 -2.16 -22.88 1.97
CA ILE A 231 -1.77 -23.49 0.70
C ILE A 231 -1.07 -22.49 -0.21
N VAL A 232 -1.66 -21.32 -0.40
CA VAL A 232 -1.05 -20.32 -1.25
C VAL A 232 0.33 -19.90 -0.76
N ARG A 233 0.46 -19.62 0.53
CA ARG A 233 1.74 -19.21 1.06
C ARG A 233 2.81 -20.28 0.90
N ALA A 234 2.43 -21.54 1.09
CA ALA A 234 3.38 -22.64 0.93
C ALA A 234 3.88 -22.68 -0.51
N ILE A 235 2.96 -22.55 -1.45
CA ILE A 235 3.32 -22.56 -2.86
C ILE A 235 4.16 -21.34 -3.23
N LEU A 236 3.74 -20.16 -2.78
CA LEU A 236 4.51 -18.95 -3.09
C LEU A 236 5.93 -19.06 -2.53
N ARG A 237 6.06 -19.59 -1.33
CA ARG A 237 7.38 -19.75 -0.74
C ARG A 237 8.23 -20.72 -1.57
N SER A 238 7.60 -21.78 -2.08
CA SER A 238 8.33 -22.77 -2.86
C SER A 238 8.93 -22.20 -4.14
N ILE A 239 8.35 -21.12 -4.66
CA ILE A 239 8.90 -20.49 -5.86
C ILE A 239 9.53 -19.14 -5.52
N GLU A 240 9.89 -19.00 -4.25
CA GLU A 240 10.53 -17.78 -3.75
C GLU A 240 9.75 -16.50 -4.04
N ALA A 241 8.43 -16.57 -3.92
CA ALA A 241 7.56 -15.42 -4.15
C ALA A 241 7.16 -14.80 -2.81
N LEU A 242 7.62 -15.42 -1.73
CA LEU A 242 7.38 -14.94 -0.37
C LEU A 242 8.62 -15.31 0.42
N PRO A 243 9.00 -14.48 1.41
CA PRO A 243 10.19 -14.76 2.22
C PRO A 243 10.07 -16.09 2.94
N PRO A 244 11.20 -16.84 3.03
CA PRO A 244 11.21 -18.14 3.70
C PRO A 244 11.07 -18.02 5.22
N THR B 4 1.70 21.54 21.96
CA THR B 4 2.35 20.20 21.92
C THR B 4 2.76 19.75 23.32
N LEU B 5 3.11 18.47 23.45
CA LEU B 5 3.54 17.92 24.72
C LEU B 5 5.00 17.49 24.63
N GLU B 6 5.85 18.12 25.41
CA GLU B 6 7.26 17.79 25.39
C GLU B 6 7.54 16.53 26.19
N ARG B 7 8.04 15.50 25.50
CA ARG B 7 8.38 14.24 26.13
C ARG B 7 9.88 14.20 26.39
N SER B 8 10.33 14.97 27.38
CA SER B 8 11.75 15.00 27.71
C SER B 8 12.25 13.61 28.11
N ASP B 9 11.34 12.77 28.59
CA ASP B 9 11.70 11.42 29.00
C ASP B 9 12.16 10.55 27.83
N TRP B 10 11.84 10.99 26.61
CA TRP B 10 12.26 10.23 25.43
C TRP B 10 13.75 10.33 25.19
N ARG B 11 14.46 11.04 26.06
CA ARG B 11 15.90 11.17 25.91
C ARG B 11 16.55 9.80 25.97
N LYS B 12 15.91 8.88 26.70
CA LYS B 12 16.44 7.53 26.86
C LYS B 12 16.53 6.77 25.54
N PHE B 13 15.63 7.07 24.61
CA PHE B 13 15.65 6.39 23.32
C PHE B 13 16.81 6.86 22.45
N PHE B 14 17.14 8.14 22.56
CA PHE B 14 18.24 8.67 21.77
C PHE B 14 19.58 8.22 22.36
N SER B 15 19.67 8.24 23.69
CA SER B 15 20.91 7.82 24.34
C SER B 15 21.16 6.33 24.16
N GLU B 16 20.07 5.56 24.06
CA GLU B 16 20.16 4.13 23.87
C GLU B 16 20.98 3.83 22.61
N PHE B 17 20.92 4.75 21.66
CA PHE B 17 21.64 4.59 20.41
C PHE B 17 22.71 5.66 20.22
N GLN B 18 23.16 6.24 21.33
CA GLN B 18 24.20 7.26 21.31
C GLN B 18 23.95 8.28 20.21
N ALA B 19 22.75 8.84 20.18
CA ALA B 19 22.40 9.81 19.16
C ALA B 19 21.84 11.10 19.72
N LYS B 20 21.93 12.16 18.93
CA LYS B 20 21.42 13.47 19.30
C LYS B 20 20.47 13.90 18.21
N GLY B 21 19.26 14.29 18.59
CA GLY B 21 18.30 14.71 17.59
C GLY B 21 16.97 15.13 18.15
N THR B 22 15.96 15.09 17.29
CA THR B 22 14.61 15.48 17.65
C THR B 22 13.62 14.51 16.99
N ILE B 23 12.41 14.47 17.53
CA ILE B 23 11.35 13.68 16.94
C ILE B 23 10.03 14.31 17.32
N VAL B 24 9.11 14.30 16.36
CA VAL B 24 7.77 14.82 16.55
C VAL B 24 6.87 13.65 16.19
N VAL B 25 5.91 13.35 17.05
CA VAL B 25 4.98 12.25 16.81
C VAL B 25 3.55 12.79 16.94
N ALA B 26 2.75 12.58 15.92
CA ALA B 26 1.36 13.03 15.96
C ALA B 26 0.49 11.77 15.90
N ASP B 27 -0.06 11.40 17.05
CA ASP B 27 -0.90 10.21 17.16
C ASP B 27 -2.37 10.58 16.96
N GLU B 28 -2.90 10.33 15.76
CA GLU B 28 -4.29 10.65 15.47
C GLU B 28 -5.27 9.56 15.87
N ARG B 29 -4.79 8.50 16.50
CA ARG B 29 -5.68 7.42 16.93
C ARG B 29 -6.53 7.97 18.06
N GLN B 30 -6.14 9.15 18.52
CA GLN B 30 -6.85 9.81 19.61
C GLN B 30 -7.43 11.13 19.13
N ALA B 31 -8.61 11.46 19.66
CA ALA B 31 -9.29 12.68 19.29
C ALA B 31 -8.80 13.86 20.12
N ASP B 32 -8.54 14.97 19.45
CA ASP B 32 -8.11 16.19 20.12
C ASP B 32 -6.92 15.98 21.05
N ARG B 33 -5.75 15.73 20.46
CA ARG B 33 -4.55 15.53 21.27
C ARG B 33 -3.38 16.33 20.73
N ALA B 34 -2.41 16.57 21.60
CA ALA B 34 -1.23 17.33 21.22
C ALA B 34 -0.14 16.42 20.66
N MET B 35 0.71 16.99 19.82
CA MET B 35 1.79 16.20 19.26
C MET B 35 2.82 16.00 20.35
N LEU B 36 3.49 14.85 20.29
CA LEU B 36 4.52 14.51 21.27
C LEU B 36 5.85 14.92 20.64
N VAL B 37 6.68 15.62 21.41
CA VAL B 37 7.93 16.10 20.88
C VAL B 37 9.14 15.98 21.80
N PHE B 38 10.27 15.53 21.25
CA PHE B 38 11.50 15.49 22.02
C PHE B 38 12.36 16.60 21.42
N ASP B 39 12.80 17.52 22.27
CA ASP B 39 13.60 18.69 21.88
C ASP B 39 12.76 19.58 20.97
N PRO B 40 11.78 20.29 21.55
CA PRO B 40 10.90 21.17 20.79
C PRO B 40 11.64 22.24 20.00
N VAL B 41 12.74 22.74 20.56
CA VAL B 41 13.51 23.76 19.85
C VAL B 41 14.04 23.18 18.54
N ARG B 42 14.72 22.04 18.61
CA ARG B 42 15.25 21.44 17.40
C ARG B 42 14.13 20.99 16.46
N SER B 43 12.98 20.63 17.01
CA SER B 43 11.86 20.17 16.19
C SER B 43 11.39 21.26 15.22
N LYS B 44 11.71 22.52 15.53
CA LYS B 44 11.32 23.63 14.67
C LYS B 44 12.48 24.19 13.84
N LYS B 45 13.67 23.60 14.00
CA LYS B 45 14.84 24.03 13.25
C LYS B 45 14.81 23.40 11.86
N ARG B 46 15.04 24.21 10.83
CA ARG B 46 15.03 23.70 9.47
C ARG B 46 16.36 23.09 9.03
N TYR B 47 16.28 21.96 8.37
CA TYR B 47 17.44 21.25 7.84
C TYR B 47 17.17 20.85 6.39
N SER B 48 18.22 20.59 5.63
CA SER B 48 18.03 20.14 4.27
C SER B 48 17.19 18.86 4.37
N PRO B 49 16.18 18.72 3.52
CA PRO B 49 15.35 17.51 3.57
C PRO B 49 16.06 16.25 3.07
N ALA B 50 17.12 16.44 2.30
CA ALA B 50 17.86 15.32 1.72
C ALA B 50 16.85 14.45 0.97
N SER B 51 17.02 13.14 0.98
CA SER B 51 16.11 12.26 0.25
C SER B 51 14.67 12.19 0.76
N THR B 52 14.36 12.82 1.88
CA THR B 52 12.95 12.82 2.31
C THR B 52 12.22 13.69 1.31
N PHE B 53 12.98 14.46 0.54
CA PHE B 53 12.38 15.34 -0.47
C PHE B 53 11.78 14.53 -1.61
N ILE B 55 9.48 12.55 -1.48
CA ILE B 55 8.04 12.46 -1.35
C ILE B 55 7.41 13.60 -2.18
N PRO B 56 7.73 14.87 -1.87
CA PRO B 56 7.11 15.91 -2.70
C PRO B 56 7.64 15.93 -4.14
N HIS B 57 8.91 15.59 -4.32
CA HIS B 57 9.52 15.63 -5.65
C HIS B 57 8.83 14.67 -6.61
N THR B 58 8.39 13.52 -6.11
CA THR B 58 7.71 12.56 -6.97
C THR B 58 6.38 13.16 -7.43
N LEU B 59 5.74 13.93 -6.55
CA LEU B 59 4.48 14.58 -6.92
C LEU B 59 4.77 15.62 -8.00
N PHE B 60 5.87 16.37 -7.83
CA PHE B 60 6.24 17.38 -8.82
C PHE B 60 6.45 16.70 -10.18
N ALA B 61 7.21 15.61 -10.16
CA ALA B 61 7.54 14.88 -11.38
C ALA B 61 6.32 14.28 -12.07
N LEU B 62 5.41 13.71 -11.30
CA LEU B 62 4.20 13.14 -11.87
C LEU B 62 3.34 14.26 -12.45
N ASP B 63 3.22 15.36 -11.69
CA ASP B 63 2.40 16.48 -12.14
C ASP B 63 2.92 17.11 -13.43
N ALA B 64 4.24 17.21 -13.55
CA ALA B 64 4.86 17.83 -14.71
C ALA B 64 5.03 16.87 -15.88
N GLY B 65 4.69 15.60 -15.67
CA GLY B 65 4.82 14.62 -16.73
C GLY B 65 6.24 14.14 -16.96
N ALA B 66 7.12 14.37 -15.97
CA ALA B 66 8.51 13.94 -16.08
C ALA B 66 8.57 12.42 -15.92
N VAL B 67 7.53 11.87 -15.30
CA VAL B 67 7.39 10.42 -15.13
C VAL B 67 5.90 10.14 -15.28
N ARG B 68 5.57 9.10 -16.05
CA ARG B 68 4.18 8.76 -16.32
C ARG B 68 3.50 7.96 -15.22
N ASP B 69 4.13 6.87 -14.82
CA ASP B 69 3.59 6.01 -13.79
C ASP B 69 4.66 5.13 -13.16
N GLU B 70 4.22 4.14 -12.39
CA GLU B 70 5.13 3.23 -11.69
C GLU B 70 5.77 2.19 -12.59
N PHE B 71 5.42 2.19 -13.87
CA PHE B 71 5.96 1.21 -14.79
C PHE B 71 7.05 1.78 -15.68
N GLN B 72 7.16 3.10 -15.73
CA GLN B 72 8.18 3.73 -16.55
C GLN B 72 9.57 3.37 -16.02
N ILE B 73 10.46 3.01 -16.95
CA ILE B 73 11.81 2.62 -16.56
C ILE B 73 12.81 3.70 -16.97
N PHE B 74 13.72 4.02 -16.05
CA PHE B 74 14.75 5.00 -16.31
C PHE B 74 16.06 4.24 -16.42
N ARG B 75 16.70 4.35 -17.58
CA ARG B 75 17.94 3.63 -17.85
C ARG B 75 19.20 4.15 -17.16
N TRP B 76 19.90 3.23 -16.50
CA TRP B 76 21.15 3.52 -15.80
C TRP B 76 22.24 3.84 -16.82
N ASP B 77 22.97 4.92 -16.58
CA ASP B 77 24.04 5.36 -17.49
C ASP B 77 25.30 4.50 -17.40
N GLY B 78 25.30 3.52 -16.51
CA GLY B 78 26.46 2.65 -16.38
C GLY B 78 27.53 3.14 -15.43
N VAL B 79 27.35 4.35 -14.89
CA VAL B 79 28.33 4.90 -13.95
C VAL B 79 28.20 4.22 -12.60
N ASN B 80 29.31 3.77 -12.04
CA ASN B 80 29.30 3.10 -10.75
C ASN B 80 29.31 4.16 -9.65
N ARG B 81 28.14 4.43 -9.08
CA ARG B 81 28.02 5.43 -8.02
C ARG B 81 28.21 4.83 -6.63
N GLY B 82 28.55 3.55 -6.59
CA GLY B 82 28.75 2.88 -5.32
C GLY B 82 27.44 2.45 -4.68
N HIS B 86 21.95 1.89 -6.96
CA HIS B 86 21.75 2.91 -7.98
C HIS B 86 22.34 2.47 -9.30
N ASN B 87 23.11 1.38 -9.26
CA ASN B 87 23.76 0.86 -10.46
C ASN B 87 22.89 -0.15 -11.22
N GLN B 88 21.76 0.35 -11.73
CA GLN B 88 20.83 -0.47 -12.49
C GLN B 88 19.67 0.39 -12.95
N ASP B 89 18.90 -0.11 -13.90
CA ASP B 89 17.75 0.63 -14.39
C ASP B 89 16.81 0.79 -13.21
N GLN B 90 15.99 1.83 -13.23
CA GLN B 90 15.10 2.08 -12.10
C GLN B 90 13.68 2.47 -12.47
N ASP B 91 12.75 2.18 -11.57
CA ASP B 91 11.37 2.62 -11.73
C ASP B 91 11.14 3.48 -10.49
N LEU B 92 9.98 4.09 -10.36
CA LEU B 92 9.74 4.94 -9.21
C LEU B 92 9.93 4.25 -7.86
N ARG B 93 9.46 3.01 -7.73
CA ARG B 93 9.58 2.32 -6.45
C ARG B 93 11.03 2.02 -6.08
N SER B 94 11.84 1.60 -7.05
CA SER B 94 13.23 1.32 -6.75
C SER B 94 13.95 2.61 -6.40
N ALA B 95 13.61 3.69 -7.11
CA ALA B 95 14.24 4.98 -6.86
C ALA B 95 13.94 5.49 -5.46
N MET B 96 12.70 5.28 -5.03
N MET B 96 12.70 5.30 -5.00
CA MET B 96 12.24 5.69 -3.71
CA MET B 96 12.35 5.76 -3.67
C MET B 96 12.89 4.85 -2.62
C MET B 96 12.94 4.86 -2.59
N ARG B 97 12.79 3.54 -2.76
CA ARG B 97 13.34 2.59 -1.80
C ARG B 97 14.84 2.72 -1.61
N ASN B 98 15.55 3.05 -2.68
CA ASN B 98 17.00 3.16 -2.61
C ASN B 98 17.56 4.57 -2.60
N SER B 99 16.68 5.57 -2.57
CA SER B 99 17.10 6.97 -2.58
C SER B 99 18.02 7.19 -3.77
N THR B 100 17.59 6.72 -4.94
CA THR B 100 18.38 6.86 -6.17
C THR B 100 18.28 8.29 -6.67
N VAL B 101 19.20 9.12 -6.17
CA VAL B 101 19.23 10.53 -6.52
C VAL B 101 19.32 10.85 -8.01
N TRP B 102 20.09 10.10 -8.78
CA TRP B 102 20.20 10.43 -10.20
C TRP B 102 18.87 10.42 -10.96
N VAL B 103 17.93 9.60 -10.51
CA VAL B 103 16.63 9.57 -11.16
C VAL B 103 15.92 10.89 -10.93
N TYR B 104 16.04 11.39 -9.70
CA TYR B 104 15.40 12.66 -9.37
C TYR B 104 16.14 13.86 -9.93
N GLU B 105 17.43 13.69 -10.23
CA GLU B 105 18.21 14.76 -10.84
C GLU B 105 17.64 14.90 -12.24
N LEU B 106 17.25 13.76 -12.81
CA LEU B 106 16.64 13.73 -14.13
C LEU B 106 15.32 14.49 -14.11
N PHE B 107 14.50 14.23 -13.09
CA PHE B 107 13.22 14.92 -12.98
C PHE B 107 13.45 16.42 -12.79
N ALA B 108 14.39 16.77 -11.92
CA ALA B 108 14.69 18.17 -11.65
C ALA B 108 15.10 18.92 -12.91
N LYS B 109 15.87 18.26 -13.78
CA LYS B 109 16.31 18.88 -15.01
C LYS B 109 15.13 19.17 -15.93
N GLU B 110 14.22 18.22 -16.04
CA GLU B 110 13.05 18.40 -16.91
C GLU B 110 12.07 19.41 -16.33
N ILE B 111 11.89 19.38 -15.01
CA ILE B 111 10.98 20.31 -14.35
C ILE B 111 11.49 21.74 -14.47
N GLY B 112 12.78 21.93 -14.20
CA GLY B 112 13.37 23.25 -14.28
C GLY B 112 13.30 24.01 -12.96
N ASP B 113 14.18 24.99 -12.80
CA ASP B 113 14.25 25.79 -11.58
C ASP B 113 12.97 26.57 -11.30
N ASP B 114 12.50 27.34 -12.27
CA ASP B 114 11.30 28.14 -12.08
C ASP B 114 10.09 27.33 -11.66
N LYS B 115 9.87 26.19 -12.32
CA LYS B 115 8.73 25.34 -12.00
C LYS B 115 8.88 24.73 -10.61
N ALA B 116 10.11 24.34 -10.26
CA ALA B 116 10.37 23.76 -8.94
C ALA B 116 10.04 24.79 -7.85
N ARG B 117 10.45 26.04 -8.08
CA ARG B 117 10.19 27.09 -7.11
C ARG B 117 8.68 27.30 -6.99
N ARG B 118 7.97 27.23 -8.12
CA ARG B 118 6.52 27.41 -8.12
C ARG B 118 5.86 26.33 -7.27
N TYR B 119 6.27 25.07 -7.48
CA TYR B 119 5.72 23.95 -6.73
C TYR B 119 5.99 24.08 -5.23
N LEU B 120 7.23 24.42 -4.89
CA LEU B 120 7.62 24.57 -3.48
C LEU B 120 6.81 25.66 -2.77
N LYS B 121 6.59 26.78 -3.46
CA LYS B 121 5.82 27.87 -2.89
C LYS B 121 4.34 27.50 -2.77
N LYS B 122 3.84 26.76 -3.75
CA LYS B 122 2.44 26.35 -3.74
C LYS B 122 2.13 25.51 -2.50
N ILE B 123 3.02 24.58 -2.16
CA ILE B 123 2.82 23.74 -0.99
C ILE B 123 3.53 24.30 0.24
N ASP B 124 4.15 25.46 0.09
CA ASP B 124 4.86 26.13 1.17
C ASP B 124 5.69 25.13 1.97
N TYR B 125 6.55 24.42 1.26
CA TYR B 125 7.42 23.40 1.86
C TYR B 125 8.67 24.01 2.47
N GLY B 126 8.72 24.04 3.80
CA GLY B 126 9.88 24.61 4.47
C GLY B 126 10.08 26.04 4.03
N ASN B 127 11.32 26.44 3.76
CA ASN B 127 11.60 27.80 3.32
C ASN B 127 11.32 27.97 1.83
N ALA B 128 10.87 26.89 1.19
CA ALA B 128 10.54 26.89 -0.24
C ALA B 128 11.59 27.58 -1.10
N ASP B 129 12.86 27.33 -0.81
CA ASP B 129 13.95 27.95 -1.56
C ASP B 129 14.83 26.92 -2.26
N PRO B 130 14.66 26.75 -3.57
CA PRO B 130 15.46 25.79 -4.35
C PRO B 130 16.79 26.34 -4.84
N SER B 131 17.21 27.49 -4.30
CA SER B 131 18.48 28.10 -4.71
C SER B 131 19.65 27.15 -4.50
N THR B 132 20.54 27.09 -5.49
CA THR B 132 21.70 26.21 -5.42
C THR B 132 22.79 26.67 -6.38
N ASP B 136 21.85 19.25 -6.72
CA ASP B 136 20.57 18.89 -6.15
C ASP B 136 20.23 19.87 -5.03
N TYR B 137 19.28 20.76 -5.29
CA TYR B 137 18.89 21.76 -4.31
C TYR B 137 18.34 21.19 -3.01
N TRP B 138 17.84 19.97 -3.05
CA TRP B 138 17.26 19.36 -1.85
C TRP B 138 18.30 18.67 -0.97
N ILE B 139 19.55 18.64 -1.43
CA ILE B 139 20.62 18.02 -0.65
C ILE B 139 21.73 19.01 -0.33
N GLU B 140 22.13 19.80 -1.32
CA GLU B 140 23.20 20.77 -1.13
C GLU B 140 22.80 22.23 -1.35
N GLY B 141 21.50 22.47 -1.52
CA GLY B 141 21.03 23.83 -1.74
C GLY B 141 20.58 24.51 -0.47
N SER B 142 19.79 25.57 -0.62
CA SER B 142 19.29 26.32 0.53
C SER B 142 17.96 25.79 1.04
N LEU B 143 17.36 24.85 0.32
CA LEU B 143 16.08 24.31 0.76
C LEU B 143 16.22 23.65 2.14
N ALA B 144 15.31 24.01 3.05
CA ALA B 144 15.34 23.46 4.40
C ALA B 144 13.94 23.38 4.97
N ILE B 145 13.70 22.38 5.81
CA ILE B 145 12.39 22.17 6.42
C ILE B 145 12.58 21.58 7.82
N SER B 146 11.67 21.89 8.74
CA SER B 146 11.77 21.38 10.10
C SER B 146 10.99 20.09 10.29
N ALA B 147 11.21 19.43 11.41
CA ALA B 147 10.50 18.20 11.71
C ALA B 147 9.01 18.49 11.84
N GLN B 148 8.64 19.57 12.50
CA GLN B 148 7.22 19.90 12.63
C GLN B 148 6.61 20.19 11.26
N GLU B 149 7.36 20.82 10.37
CA GLU B 149 6.86 21.12 9.03
C GLU B 149 6.70 19.82 8.22
N GLN B 150 7.56 18.84 8.48
CA GLN B 150 7.44 17.56 7.77
C GLN B 150 6.15 16.88 8.19
N ILE B 151 5.81 16.97 9.48
CA ILE B 151 4.58 16.36 9.99
C ILE B 151 3.37 17.00 9.29
N ALA B 152 3.35 18.32 9.20
CA ALA B 152 2.23 19.02 8.58
C ALA B 152 2.06 18.60 7.12
N PHE B 153 3.18 18.49 6.41
CA PHE B 153 3.17 18.08 5.01
C PHE B 153 2.64 16.65 4.87
N LEU B 154 3.16 15.75 5.69
CA LEU B 154 2.74 14.35 5.65
C LEU B 154 1.25 14.19 5.93
N ARG B 155 0.72 14.97 6.87
CA ARG B 155 -0.70 14.88 7.19
C ARG B 155 -1.55 15.29 6.01
N LYS B 156 -1.11 16.31 5.26
CA LYS B 156 -1.86 16.73 4.09
C LYS B 156 -1.85 15.61 3.05
N LEU B 157 -0.70 14.97 2.86
CA LEU B 157 -0.59 13.87 1.89
C LEU B 157 -1.53 12.73 2.30
N TYR B 158 -1.51 12.40 3.59
CA TYR B 158 -2.36 11.34 4.12
C TYR B 158 -3.83 11.63 3.80
N ARG B 159 -4.23 12.88 3.97
CA ARG B 159 -5.61 13.31 3.74
C ARG B 159 -5.96 13.61 2.28
N ASN B 160 -5.00 13.41 1.37
CA ASN B 160 -5.20 13.69 -0.06
C ASN B 160 -5.52 15.17 -0.26
N GLU B 161 -4.96 16.00 0.63
CA GLU B 161 -5.18 17.45 0.60
C GLU B 161 -4.15 18.25 -0.17
N LEU B 162 -3.06 17.62 -0.60
CA LEU B 162 -2.05 18.38 -1.34
C LEU B 162 -2.59 18.80 -2.71
N PRO B 163 -2.07 19.89 -3.27
CA PRO B 163 -2.52 20.40 -4.57
C PRO B 163 -2.02 19.62 -5.77
N PHE B 164 -2.27 18.31 -5.75
CA PHE B 164 -1.87 17.41 -6.82
C PHE B 164 -2.97 16.38 -7.04
N ARG B 165 -2.93 15.69 -8.19
CA ARG B 165 -3.94 14.68 -8.47
C ARG B 165 -4.01 13.70 -7.32
N VAL B 166 -5.22 13.29 -6.95
CA VAL B 166 -5.35 12.33 -5.88
C VAL B 166 -4.64 11.04 -6.31
N GLU B 167 -4.72 10.67 -7.59
CA GLU B 167 -4.03 9.45 -8.01
C GLU B 167 -2.53 9.55 -7.77
N HIS B 168 -1.96 10.74 -7.92
CA HIS B 168 -0.54 10.92 -7.70
C HIS B 168 -0.23 10.82 -6.21
N GLN B 169 -1.10 11.39 -5.38
CA GLN B 169 -0.90 11.32 -3.93
C GLN B 169 -0.99 9.86 -3.50
N ARG B 170 -1.93 9.11 -4.07
CA ARG B 170 -2.05 7.70 -3.71
C ARG B 170 -0.83 6.91 -4.17
N LEU B 171 -0.32 7.21 -5.35
CA LEU B 171 0.85 6.49 -5.84
C LEU B 171 2.05 6.75 -4.92
N VAL B 172 2.28 8.00 -4.53
CA VAL B 172 3.40 8.31 -3.65
C VAL B 172 3.26 7.60 -2.30
N LYS B 173 2.04 7.55 -1.76
CA LYS B 173 1.83 6.87 -0.49
C LYS B 173 2.08 5.37 -0.63
N ASP B 174 1.82 4.84 -1.83
CA ASP B 174 2.06 3.44 -2.15
C ASP B 174 3.58 3.21 -2.20
N LEU B 175 4.28 4.09 -2.90
CA LEU B 175 5.74 3.98 -3.03
C LEU B 175 6.47 4.05 -1.68
N MET B 176 5.85 4.72 -0.71
CA MET B 176 6.42 4.89 0.62
C MET B 176 6.30 3.67 1.52
N ILE B 177 5.55 2.66 1.10
CA ILE B 177 5.38 1.48 1.94
C ILE B 177 6.69 0.79 2.24
N VAL B 178 6.97 0.62 3.53
CA VAL B 178 8.20 -0.02 4.00
C VAL B 178 7.94 -1.35 4.67
N GLU B 179 6.77 -1.49 5.28
CA GLU B 179 6.41 -2.71 5.98
C GLU B 179 4.92 -2.67 6.27
N ALA B 180 4.30 -3.84 6.44
CA ALA B 180 2.88 -3.88 6.74
C ALA B 180 2.46 -5.21 7.34
N GLY B 181 1.36 -5.12 8.10
CA GLY B 181 0.76 -6.28 8.73
C GLY B 181 -0.69 -6.29 8.31
N ARG B 182 -1.48 -7.24 8.82
CA ARG B 182 -2.88 -7.33 8.45
C ARG B 182 -3.70 -6.08 8.77
N ASN B 183 -3.35 -5.38 9.83
CA ASN B 183 -4.09 -4.20 10.23
C ASN B 183 -3.25 -2.95 10.41
N TRP B 184 -2.03 -2.95 9.89
CA TRP B 184 -1.17 -1.78 9.99
C TRP B 184 -0.27 -1.65 8.78
N ILE B 185 0.03 -0.41 8.41
CA ILE B 185 0.89 -0.13 7.27
C ILE B 185 1.86 0.99 7.62
N LEU B 186 3.15 0.73 7.44
CA LEU B 186 4.20 1.71 7.72
C LEU B 186 4.66 2.33 6.40
N ARG B 187 4.49 3.64 6.27
CA ARG B 187 4.90 4.38 5.08
C ARG B 187 5.97 5.36 5.54
N ALA B 188 7.14 5.32 4.93
CA ALA B 188 8.20 6.23 5.38
C ALA B 188 9.27 6.50 4.34
N LYS B 189 10.14 7.45 4.65
CA LYS B 189 11.23 7.82 3.75
C LYS B 189 12.42 8.32 4.55
N THR B 190 13.59 7.76 4.24
CA THR B 190 14.83 8.17 4.90
C THR B 190 15.49 9.29 4.11
N GLY B 191 16.43 9.95 4.77
CA GLY B 191 17.18 11.03 4.15
C GLY B 191 18.50 11.18 4.87
N TRP B 192 19.55 11.54 4.13
CA TRP B 192 20.86 11.76 4.73
C TRP B 192 21.61 12.81 3.93
N GLU B 193 21.95 13.92 4.58
CA GLU B 193 22.67 14.99 3.89
C GLU B 193 24.15 15.00 4.22
N GLY B 194 24.57 14.04 5.05
CA GLY B 194 25.99 13.95 5.41
C GLY B 194 26.28 14.21 6.88
N ARG B 195 25.85 15.37 7.38
CA ARG B 195 26.07 15.76 8.77
C ARG B 195 24.88 15.35 9.64
N MET B 196 23.73 15.16 9.01
CA MET B 196 22.53 14.75 9.72
C MET B 196 21.63 13.92 8.83
N GLY B 197 20.68 13.21 9.43
CA GLY B 197 19.79 12.36 8.68
C GLY B 197 18.36 12.40 9.19
N TRP B 198 17.45 11.83 8.40
CA TRP B 198 16.03 11.81 8.72
C TRP B 198 15.34 10.47 8.52
N TRP B 199 14.17 10.36 9.15
CA TRP B 199 13.25 9.26 8.91
C TRP B 199 11.92 9.90 9.22
N VAL B 200 11.06 10.00 8.20
CA VAL B 200 9.75 10.61 8.36
C VAL B 200 8.71 9.70 7.73
N GLY B 201 7.48 9.79 8.23
CA GLY B 201 6.42 8.96 7.68
C GLY B 201 5.31 8.76 8.68
N TRP B 202 4.62 7.63 8.59
CA TRP B 202 3.56 7.33 9.54
C TRP B 202 3.19 5.86 9.49
N VAL B 203 2.49 5.43 10.53
CA VAL B 203 2.00 4.05 10.59
C VAL B 203 0.49 4.16 10.75
N GLU B 204 -0.24 3.50 9.86
CA GLU B 204 -1.70 3.53 9.91
C GLU B 204 -2.25 2.32 10.64
N TRP B 205 -3.24 2.58 11.49
CA TRP B 205 -3.92 1.54 12.25
C TRP B 205 -5.41 1.74 12.02
N PRO B 206 -6.23 0.74 12.37
CA PRO B 206 -7.68 0.90 12.16
C PRO B 206 -8.28 2.16 12.81
N THR B 207 -7.78 2.51 14.00
CA THR B 207 -8.29 3.67 14.72
C THR B 207 -7.64 5.00 14.35
N GLY B 208 -6.68 4.96 13.43
CA GLY B 208 -6.02 6.20 13.04
C GLY B 208 -4.55 6.02 12.73
N SER B 209 -3.92 7.09 12.27
CA SER B 209 -2.51 7.04 11.91
C SER B 209 -1.60 7.76 12.90
N VAL B 210 -0.38 7.28 13.01
CA VAL B 210 0.61 7.85 13.90
C VAL B 210 1.74 8.38 13.03
N PHE B 211 1.84 9.70 12.94
CA PHE B 211 2.87 10.35 12.12
C PHE B 211 4.14 10.60 12.91
N PHE B 212 5.28 10.54 12.22
CA PHE B 212 6.55 10.80 12.88
C PHE B 212 7.53 11.51 11.96
N ALA B 213 8.42 12.29 12.57
CA ALA B 213 9.45 12.99 11.84
C ALA B 213 10.62 13.14 12.78
N LEU B 214 11.68 12.40 12.48
CA LEU B 214 12.88 12.43 13.29
C LEU B 214 14.09 12.83 12.48
N ASN B 215 14.99 13.59 13.10
CA ASN B 215 16.26 13.89 12.45
C ASN B 215 17.30 13.82 13.56
N ILE B 216 18.49 13.37 13.19
CA ILE B 216 19.58 13.24 14.14
C ILE B 216 20.88 13.62 13.45
N ASP B 217 21.88 13.97 14.24
CA ASP B 217 23.17 14.30 13.66
C ASP B 217 23.85 12.97 13.35
N THR B 218 24.74 12.96 12.36
CA THR B 218 25.44 11.73 12.01
C THR B 218 26.96 11.96 12.00
N PRO B 219 27.54 12.19 13.18
CA PRO B 219 28.98 12.41 13.28
C PRO B 219 29.79 11.23 12.75
N ASN B 220 29.22 10.03 12.85
CA ASN B 220 29.89 8.82 12.40
C ASN B 220 29.50 8.47 10.96
N ARG B 221 28.86 9.42 10.29
CA ARG B 221 28.45 9.26 8.89
C ARG B 221 27.55 8.05 8.65
N MET B 222 27.96 7.18 7.72
CA MET B 222 27.14 6.01 7.41
C MET B 222 26.93 5.05 8.56
N ASP B 223 27.85 5.02 9.52
CA ASP B 223 27.73 4.14 10.67
C ASP B 223 26.60 4.55 11.60
N ASP B 224 26.07 5.77 11.39
CA ASP B 224 24.98 6.27 12.22
C ASP B 224 23.60 6.11 11.58
N LEU B 225 23.58 5.78 10.30
CA LEU B 225 22.32 5.64 9.57
C LEU B 225 21.29 4.69 10.16
N PHE B 226 21.73 3.56 10.69
CA PHE B 226 20.80 2.59 11.26
C PHE B 226 20.03 3.18 12.45
N LYS B 227 20.60 4.21 13.07
CA LYS B 227 19.97 4.83 14.23
C LYS B 227 18.66 5.54 13.92
N ARG B 228 18.49 5.96 12.67
CA ARG B 228 17.28 6.67 12.27
C ARG B 228 16.05 5.80 12.52
N GLU B 229 16.03 4.60 11.96
CA GLU B 229 14.90 3.70 12.17
C GLU B 229 14.89 3.11 13.57
N ALA B 230 16.07 2.83 14.12
CA ALA B 230 16.16 2.25 15.45
C ALA B 230 15.47 3.09 16.51
N ILE B 231 15.72 4.39 16.51
CA ILE B 231 15.12 5.27 17.50
C ILE B 231 13.62 5.41 17.29
N VAL B 232 13.20 5.65 16.05
CA VAL B 232 11.78 5.80 15.79
C VAL B 232 11.01 4.53 16.15
N ARG B 233 11.51 3.38 15.72
CA ARG B 233 10.82 2.12 16.01
C ARG B 233 10.68 1.89 17.51
N ALA B 234 11.72 2.20 18.27
CA ALA B 234 11.68 2.02 19.72
C ALA B 234 10.59 2.90 20.32
N ILE B 235 10.51 4.14 19.84
CA ILE B 235 9.51 5.07 20.34
C ILE B 235 8.10 4.65 19.91
N LEU B 236 7.95 4.23 18.67
CA LEU B 236 6.63 3.81 18.20
C LEU B 236 6.15 2.60 19.00
N ARG B 237 7.05 1.66 19.26
CA ARG B 237 6.68 0.49 20.04
C ARG B 237 6.22 0.88 21.45
N SER B 238 6.88 1.88 22.04
CA SER B 238 6.52 2.31 23.40
C SER B 238 5.11 2.89 23.51
N ILE B 239 4.55 3.34 22.40
CA ILE B 239 3.20 3.88 22.41
C ILE B 239 2.27 2.97 21.61
N GLU B 240 2.71 1.72 21.46
CA GLU B 240 1.97 0.69 20.74
C GLU B 240 1.55 1.09 19.33
N ALA B 241 2.45 1.78 18.63
CA ALA B 241 2.19 2.20 17.26
C ALA B 241 2.86 1.24 16.27
N LEU B 242 3.57 0.26 16.82
CA LEU B 242 4.23 -0.78 16.04
C LEU B 242 4.16 -2.05 16.87
N PRO B 243 4.03 -3.22 16.22
CA PRO B 243 3.96 -4.48 16.95
C PRO B 243 5.17 -4.70 17.85
N PRO B 244 4.96 -5.29 19.03
CA PRO B 244 6.06 -5.55 19.97
C PRO B 244 7.07 -6.55 19.40
#